data_5EXN
#
_entry.id   5EXN
#
_cell.length_a   38.890
_cell.length_b   69.120
_cell.length_c   85.320
_cell.angle_alpha   90.000
_cell.angle_beta   90.000
_cell.angle_gamma   90.000
#
_symmetry.space_group_name_H-M   'P 21 21 21'
#
loop_
_entity.id
_entity.type
_entity.pdbx_description
1 polymer 'Coagulation factor XIa light chain'
2 non-polymer 2-acetamido-2-deoxy-beta-D-glucopyranose
3 non-polymer 'methyl ~{N}-[4-[2-[(1~{S})-1-[[(~{E})-3-[5-chloranyl-2-(1,2,3,4-tetrazol-1-yl)phenyl]prop-2-enoyl]amino]-2-phenyl-ethyl]pyridin-4-yl]phenyl]carbamate'
4 water water
#
_entity_poly.entity_id   1
_entity_poly.type   'polypeptide(L)'
_entity_poly.pdbx_seq_one_letter_code
;IVGGTASVRGEWPWQVTLHTTSPTQRHLCGGSIIGNQWILTAAHCFYGVESPKILRVYSGILNQSEIKEDTSFFGVQEII
IHDQYKMAESGYDIALLKLETTVNYTDSQRPISLPSKGDRNVIYTDCWVTGWGYRKLRDKIQNTLQKAKIPLVTNEECQK
RYRGHKITHKMICAGYREGGKDACKGDSGGPLSCKHNEVWHLVGITSWGEGCAQRERPGVYTNVVEYVDWILEKTQAV
;
_entity_poly.pdbx_strand_id   A
#
loop_
_chem_comp.id
_chem_comp.type
_chem_comp.name
_chem_comp.formula
5SU non-polymer 'methyl ~{N}-[4-[2-[(1~{S})-1-[[(~{E})-3-[5-chloranyl-2-(1,2,3,4-tetrazol-1-yl)phenyl]prop-2-enoyl]amino]-2-phenyl-ethyl]pyridin-4-yl]phenyl]carbamate' 'C31 H26 Cl N7 O3'
NAG D-saccharide, beta linking 2-acetamido-2-deoxy-beta-D-glucopyranose 'C8 H15 N O6'
#
# COMPACT_ATOMS: atom_id res chain seq x y z
N ILE A 1 -4.46 -9.69 4.42
CA ILE A 1 -3.99 -9.41 5.79
C ILE A 1 -4.16 -10.64 6.65
N VAL A 2 -3.07 -11.11 7.27
CA VAL A 2 -3.15 -12.26 8.17
C VAL A 2 -3.48 -11.75 9.54
N GLY A 3 -4.45 -12.40 10.19
CA GLY A 3 -4.86 -12.05 11.54
C GLY A 3 -5.52 -10.68 11.63
N GLY A 4 -6.07 -10.24 10.53
CA GLY A 4 -6.71 -8.93 10.48
C GLY A 4 -8.12 -8.98 10.99
N THR A 5 -8.69 -7.80 11.14
CA THR A 5 -10.10 -7.70 11.51
C THR A 5 -10.77 -6.77 10.51
N ALA A 6 -12.09 -6.93 10.37
CA ALA A 6 -12.84 -6.10 9.46
C ALA A 6 -12.76 -4.62 9.80
N SER A 7 -12.65 -3.79 8.75
CA SER A 7 -12.74 -2.36 8.87
C SER A 7 -14.22 -1.98 8.73
N VAL A 8 -14.53 -0.73 9.03
CA VAL A 8 -15.87 -0.19 8.85
C VAL A 8 -15.88 0.85 7.74
N ARG A 9 -17.08 1.21 7.28
CA ARG A 9 -17.21 2.23 6.23
C ARG A 9 -16.58 3.53 6.73
N GLY A 10 -15.78 4.17 5.88
CA GLY A 10 -15.11 5.42 6.21
C GLY A 10 -13.90 5.35 7.12
N GLU A 11 -13.51 4.13 7.53
CA GLU A 11 -12.38 4.01 8.45
C GLU A 11 -11.03 4.36 7.79
N TRP A 12 -10.81 3.90 6.56
CA TRP A 12 -9.53 4.12 5.84
C TRP A 12 -9.80 4.82 4.51
N PRO A 13 -10.18 6.12 4.54
CA PRO A 13 -10.69 6.77 3.34
C PRO A 13 -9.64 7.04 2.27
N TRP A 14 -8.35 6.84 2.59
CA TRP A 14 -7.30 6.95 1.56
C TRP A 14 -7.06 5.63 0.87
N GLN A 15 -7.57 4.52 1.40
CA GLN A 15 -7.32 3.22 0.77
C GLN A 15 -8.16 3.05 -0.48
N VAL A 16 -7.49 2.61 -1.57
CA VAL A 16 -8.17 2.24 -2.80
C VAL A 16 -7.87 0.82 -3.17
N THR A 17 -8.74 0.26 -4.02
CA THR A 17 -8.53 -1.03 -4.63
C THR A 17 -8.30 -0.73 -6.11
N LEU A 18 -7.16 -1.20 -6.62
CA LEU A 18 -6.81 -1.01 -8.01
CA LEU A 18 -6.80 -1.03 -8.02
C LEU A 18 -7.18 -2.30 -8.74
N HIS A 19 -8.04 -2.17 -9.76
CA HIS A 19 -8.45 -3.32 -10.56
C HIS A 19 -7.84 -3.24 -11.94
N THR A 20 -7.62 -4.40 -12.54
CA THR A 20 -7.25 -4.48 -13.94
C THR A 20 -8.52 -5.05 -14.63
N THR A 21 -8.89 -4.61 -15.88
CA THR A 21 -10.05 -5.14 -16.61
C THR A 21 -9.66 -6.20 -17.61
N SER A 22 -8.36 -6.43 -17.85
CA SER A 22 -7.81 -7.39 -18.79
C SER A 22 -7.08 -8.57 -18.10
N PRO A 23 -7.38 -9.84 -18.47
CA PRO A 23 -8.39 -10.29 -19.45
C PRO A 23 -9.82 -10.16 -18.93
N THR A 24 -10.00 -10.22 -17.59
CA THR A 24 -11.28 -10.08 -16.87
C THR A 24 -11.02 -9.17 -15.66
N GLN A 25 -12.07 -8.50 -15.18
CA GLN A 25 -11.87 -7.57 -14.08
C GLN A 25 -11.60 -8.27 -12.74
N ARG A 26 -10.52 -7.82 -12.06
CA ARG A 26 -10.20 -8.35 -10.75
C ARG A 26 -9.33 -7.34 -10.00
N HIS A 27 -9.40 -7.41 -8.67
CA HIS A 27 -8.50 -6.65 -7.78
C HIS A 27 -7.07 -7.05 -8.13
N LEU A 28 -6.19 -6.05 -8.27
CA LEU A 28 -4.79 -6.27 -8.57
C LEU A 28 -3.93 -5.93 -7.33
N CYS A 29 -4.17 -4.73 -6.77
CA CYS A 29 -3.29 -4.19 -5.72
C CYS A 29 -4.04 -3.16 -4.90
N GLY A 30 -3.47 -2.84 -3.75
CA GLY A 30 -3.95 -1.67 -3.01
C GLY A 30 -3.24 -0.41 -3.49
N GLY A 31 -3.70 0.73 -2.97
CA GLY A 31 -3.07 2.02 -3.21
C GLY A 31 -3.60 3.01 -2.20
N SER A 32 -3.01 4.22 -2.22
CA SER A 32 -3.44 5.29 -1.31
C SER A 32 -3.66 6.59 -2.06
N ILE A 33 -4.78 7.26 -1.75
CA ILE A 33 -4.97 8.62 -2.30
C ILE A 33 -3.99 9.55 -1.57
N ILE A 34 -3.17 10.29 -2.34
CA ILE A 34 -2.27 11.27 -1.72
C ILE A 34 -2.49 12.68 -2.20
N GLY A 35 -3.32 12.82 -3.22
CA GLY A 35 -3.59 14.13 -3.79
C GLY A 35 -4.81 14.07 -4.65
N ASN A 36 -5.19 15.25 -5.16
CA ASN A 36 -6.38 15.45 -5.98
C ASN A 36 -6.48 14.54 -7.18
N GLN A 37 -5.37 14.11 -7.77
CA GLN A 37 -5.49 13.22 -8.92
C GLN A 37 -4.41 12.14 -8.83
N TRP A 38 -4.00 11.79 -7.60
CA TRP A 38 -2.83 10.94 -7.44
C TRP A 38 -3.01 9.81 -6.46
N ILE A 39 -2.62 8.62 -6.91
CA ILE A 39 -2.59 7.41 -6.06
C ILE A 39 -1.15 6.97 -5.93
N LEU A 40 -0.68 6.68 -4.71
CA LEU A 40 0.65 6.14 -4.50
C LEU A 40 0.48 4.63 -4.28
N THR A 41 1.30 3.83 -4.98
CA THR A 41 1.19 2.39 -4.89
C THR A 41 2.58 1.77 -5.12
N ALA A 42 2.63 0.45 -5.34
CA ALA A 42 3.91 -0.25 -5.52
C ALA A 42 4.19 -0.43 -7.00
N ALA A 43 5.47 -0.28 -7.39
CA ALA A 43 5.83 -0.47 -8.79
C ALA A 43 5.63 -1.92 -9.27
N HIS A 44 5.84 -2.90 -8.38
CA HIS A 44 5.74 -4.32 -8.74
C HIS A 44 4.35 -4.72 -9.23
N CYS A 45 3.33 -3.90 -8.89
CA CYS A 45 1.95 -4.15 -9.29
C CYS A 45 1.73 -4.14 -10.79
N PHE A 46 2.58 -3.41 -11.51
CA PHE A 46 2.41 -3.18 -12.94
C PHE A 46 3.18 -4.12 -13.82
N TYR A 47 3.75 -5.19 -13.25
CA TYR A 47 4.49 -6.15 -14.06
C TYR A 47 3.69 -6.64 -15.28
N GLY A 48 2.48 -7.17 -15.05
CA GLY A 48 1.66 -7.67 -16.16
C GLY A 48 0.65 -6.69 -16.72
N VAL A 49 0.91 -5.36 -16.63
CA VAL A 49 -0.06 -4.34 -17.08
C VAL A 49 0.33 -3.73 -18.42
N GLU A 50 -0.49 -4.00 -19.46
CA GLU A 50 -0.29 -3.57 -20.84
C GLU A 50 -0.31 -2.05 -21.04
N SER A 51 -1.24 -1.33 -20.39
CA SER A 51 -1.39 0.12 -20.55
C SER A 51 -2.27 0.71 -19.40
N PRO A 52 -2.33 2.05 -19.19
CA PRO A 52 -3.19 2.59 -18.13
C PRO A 52 -4.68 2.47 -18.42
N LYS A 53 -5.06 2.26 -19.71
CA LYS A 53 -6.45 2.11 -20.11
C LYS A 53 -7.15 0.92 -19.47
N ILE A 54 -6.40 -0.15 -19.08
CA ILE A 54 -6.98 -1.35 -18.46
C ILE A 54 -7.12 -1.24 -16.93
N LEU A 55 -6.73 -0.10 -16.34
CA LEU A 55 -6.83 0.06 -14.89
C LEU A 55 -8.07 0.86 -14.46
N ARG A 56 -8.61 0.47 -13.29
CA ARG A 56 -9.70 1.16 -12.65
C ARG A 56 -9.35 1.33 -11.18
N VAL A 57 -9.49 2.55 -10.68
CA VAL A 57 -9.24 2.85 -9.27
C VAL A 57 -10.59 3.00 -8.60
N TYR A 58 -10.83 2.18 -7.56
CA TYR A 58 -12.06 2.30 -6.80
C TYR A 58 -11.76 2.85 -5.44
N SER A 59 -12.38 3.99 -5.12
CA SER A 59 -12.27 4.64 -3.83
C SER A 59 -13.62 4.53 -3.11
N GLY A 60 -13.57 4.73 -1.79
CA GLY A 60 -14.77 4.69 -0.97
C GLY A 60 -15.42 3.32 -0.90
N ILE A 61 -14.61 2.26 -1.08
CA ILE A 61 -15.05 0.85 -1.09
C ILE A 61 -14.72 0.18 0.18
N LEU A 62 -15.71 -0.45 0.81
CA LEU A 62 -15.39 -1.30 1.95
C LEU A 62 -15.34 -2.77 1.46
N ASN A 63 -16.40 -3.19 0.73
CA ASN A 63 -16.54 -4.55 0.27
C ASN A 63 -16.32 -4.70 -1.21
N GLN A 64 -15.49 -5.65 -1.64
CA GLN A 64 -15.30 -5.89 -3.08
C GLN A 64 -16.62 -6.16 -3.79
N SER A 65 -17.57 -6.79 -3.09
CA SER A 65 -18.91 -7.09 -3.64
C SER A 65 -19.69 -5.82 -4.02
N GLU A 66 -19.23 -4.64 -3.56
CA GLU A 66 -19.84 -3.33 -3.92
C GLU A 66 -19.41 -2.92 -5.35
N ILE A 67 -18.36 -3.56 -5.90
CA ILE A 67 -17.86 -3.22 -7.25
C ILE A 67 -18.62 -3.97 -8.33
N LYS A 68 -19.51 -3.24 -9.03
CA LYS A 68 -20.39 -3.70 -10.12
C LYS A 68 -20.23 -2.74 -11.34
N GLU A 69 -21.03 -2.97 -12.43
CA GLU A 69 -21.00 -2.18 -13.67
C GLU A 69 -21.13 -0.67 -13.50
N ASP A 70 -22.10 -0.20 -12.71
CA ASP A 70 -22.36 1.23 -12.50
C ASP A 70 -21.58 1.84 -11.34
N THR A 71 -20.69 1.05 -10.71
CA THR A 71 -19.93 1.58 -9.61
C THR A 71 -19.00 2.63 -10.17
N SER A 72 -18.95 3.78 -9.52
CA SER A 72 -18.12 4.91 -9.87
C SER A 72 -16.65 4.52 -9.67
N PHE A 73 -15.80 4.93 -10.58
CA PHE A 73 -14.36 4.66 -10.48
C PHE A 73 -13.59 5.78 -11.13
N PHE A 74 -12.28 5.73 -10.94
CA PHE A 74 -11.38 6.69 -11.56
C PHE A 74 -10.52 5.93 -12.56
N GLY A 75 -10.46 6.46 -13.78
CA GLY A 75 -9.59 5.94 -14.80
C GLY A 75 -8.17 6.47 -14.55
N VAL A 76 -7.19 5.84 -15.18
CA VAL A 76 -5.80 6.21 -14.97
C VAL A 76 -5.27 6.79 -16.28
N GLN A 77 -4.72 8.00 -16.21
CA GLN A 77 -4.11 8.73 -17.34
C GLN A 77 -2.67 8.23 -17.58
N GLU A 78 -1.92 8.01 -16.50
CA GLU A 78 -0.50 7.66 -16.59
C GLU A 78 -0.07 6.85 -15.39
N ILE A 79 0.80 5.87 -15.63
CA ILE A 79 1.46 5.03 -14.62
C ILE A 79 2.90 5.55 -14.56
N ILE A 80 3.33 6.03 -13.38
CA ILE A 80 4.66 6.57 -13.21
C ILE A 80 5.42 5.63 -12.28
N ILE A 81 6.34 4.84 -12.82
CA ILE A 81 7.12 3.90 -12.02
C ILE A 81 8.50 4.50 -11.75
N HIS A 82 9.03 4.36 -10.51
CA HIS A 82 10.35 4.88 -10.18
C HIS A 82 11.35 4.36 -11.22
N ASP A 83 12.16 5.28 -11.80
CA ASP A 83 13.03 4.83 -12.89
C ASP A 83 14.20 3.92 -12.43
N GLN A 84 14.44 3.78 -11.11
CA GLN A 84 15.48 2.85 -10.63
C GLN A 84 14.88 1.48 -10.28
N TYR A 85 13.54 1.34 -10.37
CA TYR A 85 12.92 0.08 -9.98
C TYR A 85 13.31 -1.07 -10.90
N LYS A 86 13.65 -2.23 -10.29
CA LYS A 86 13.92 -3.49 -11.01
C LYS A 86 13.06 -4.61 -10.41
N MET A 87 13.12 -4.79 -9.08
CA MET A 87 12.37 -5.84 -8.39
C MET A 87 12.11 -5.44 -6.95
N ALA A 88 10.99 -5.91 -6.38
CA ALA A 88 10.60 -5.47 -5.04
C ALA A 88 11.71 -5.55 -4.00
N GLU A 89 12.43 -6.70 -3.98
CA GLU A 89 13.47 -6.94 -3.00
C GLU A 89 14.67 -6.04 -3.15
N SER A 90 14.83 -5.37 -4.30
CA SER A 90 15.95 -4.47 -4.43
C SER A 90 15.52 -3.00 -4.30
N GLY A 91 14.31 -2.76 -3.80
CA GLY A 91 13.92 -1.39 -3.51
C GLY A 91 13.32 -0.61 -4.64
N TYR A 92 13.12 0.68 -4.37
CA TYR A 92 12.50 1.61 -5.33
C TYR A 92 11.12 1.12 -5.75
N ASP A 93 10.43 0.37 -4.82
CA ASP A 93 9.14 -0.20 -5.16
C ASP A 93 8.02 0.83 -4.92
N ILE A 94 7.94 1.78 -5.82
CA ILE A 94 7.03 2.92 -5.70
C ILE A 94 6.57 3.39 -7.07
N ALA A 95 5.29 3.71 -7.14
CA ALA A 95 4.69 4.15 -8.38
C ALA A 95 3.56 5.09 -8.07
N LEU A 96 3.30 6.01 -8.98
CA LEU A 96 2.17 6.92 -8.92
C LEU A 96 1.21 6.59 -10.06
N LEU A 97 -0.08 6.73 -9.80
CA LEU A 97 -1.11 6.69 -10.85
C LEU A 97 -1.68 8.08 -10.90
N LYS A 98 -1.59 8.72 -12.10
CA LYS A 98 -2.21 10.00 -12.34
C LYS A 98 -3.61 9.67 -12.84
N LEU A 99 -4.63 10.12 -12.12
CA LEU A 99 -6.00 9.82 -12.49
C LEU A 99 -6.48 10.72 -13.63
N GLU A 100 -7.50 10.20 -14.35
CA GLU A 100 -8.14 10.93 -15.46
C GLU A 100 -8.95 12.14 -14.99
N THR A 101 -9.37 12.15 -13.72
CA THR A 101 -10.12 13.26 -13.19
C THR A 101 -9.60 13.58 -11.80
N THR A 102 -9.95 14.77 -11.28
CA THR A 102 -9.64 15.07 -9.90
C THR A 102 -10.62 14.28 -9.00
N VAL A 103 -10.28 14.15 -7.73
CA VAL A 103 -11.09 13.45 -6.74
C VAL A 103 -11.69 14.50 -5.84
N ASN A 104 -13.02 14.49 -5.71
CA ASN A 104 -13.66 15.37 -4.73
C ASN A 104 -13.57 14.61 -3.43
N TYR A 105 -13.09 15.27 -2.38
CA TYR A 105 -12.94 14.58 -1.11
C TYR A 105 -14.22 14.54 -0.33
N THR A 106 -14.47 13.38 0.26
CA THR A 106 -15.66 13.12 1.07
C THR A 106 -15.16 12.32 2.30
N ASP A 107 -16.09 11.93 3.17
CA ASP A 107 -15.80 11.09 4.34
C ASP A 107 -15.28 9.74 3.88
N SER A 108 -15.72 9.28 2.70
CA SER A 108 -15.31 7.97 2.20
C SER A 108 -14.05 7.99 1.34
N GLN A 109 -13.59 9.18 0.90
CA GLN A 109 -12.43 9.31 0.04
C GLN A 109 -11.68 10.61 0.29
N ARG A 110 -10.47 10.51 0.86
CA ARG A 110 -9.68 11.69 1.13
C ARG A 110 -8.22 11.29 1.18
N PRO A 111 -7.30 12.24 1.04
CA PRO A 111 -5.89 11.90 1.00
C PRO A 111 -5.29 11.65 2.34
N ILE A 112 -4.21 10.86 2.36
CA ILE A 112 -3.40 10.70 3.55
C ILE A 112 -2.14 11.56 3.36
N SER A 113 -1.73 12.25 4.45
CA SER A 113 -0.55 13.08 4.42
CA SER A 113 -0.54 13.08 4.44
C SER A 113 0.71 12.22 4.26
N LEU A 114 1.69 12.75 3.55
CA LEU A 114 2.97 12.08 3.43
C LEU A 114 3.68 12.31 4.76
N PRO A 115 4.65 11.48 5.13
CA PRO A 115 5.37 11.74 6.39
C PRO A 115 6.23 12.98 6.23
N SER A 116 6.44 13.65 7.35
CA SER A 116 7.23 14.87 7.38
C SER A 116 8.72 14.53 7.38
N LYS A 117 9.50 15.28 6.57
CA LYS A 117 10.96 15.16 6.50
C LYS A 117 11.61 15.54 7.86
N GLY A 118 10.88 16.34 8.65
CA GLY A 118 11.24 16.75 10.00
C GLY A 118 10.93 15.64 11.00
N ASP A 119 10.07 14.70 10.58
CA ASP A 119 9.66 13.55 11.37
C ASP A 119 10.48 12.29 10.96
N ARG A 120 11.80 12.46 10.80
CA ARG A 120 12.73 11.37 10.48
C ARG A 120 13.12 10.68 11.79
N ASN A 121 13.25 11.46 12.88
CA ASN A 121 13.58 11.00 14.24
C ASN A 121 12.30 10.61 15.03
N VAL A 122 11.15 10.55 14.32
CA VAL A 122 9.86 10.20 14.90
C VAL A 122 9.73 8.68 15.05
N ILE A 123 9.25 8.28 16.23
CA ILE A 123 9.02 6.91 16.66
C ILE A 123 7.52 6.64 16.44
N TYR A 124 7.17 5.90 15.37
CA TYR A 124 5.75 5.62 15.13
C TYR A 124 5.35 4.36 15.89
N THR A 125 4.33 4.48 16.74
CA THR A 125 3.86 3.36 17.56
C THR A 125 2.39 3.01 17.35
N ASP A 126 1.72 3.63 16.35
CA ASP A 126 0.32 3.33 16.09
C ASP A 126 0.16 3.14 14.56
N CYS A 127 0.76 2.06 14.08
CA CYS A 127 0.81 1.70 12.65
C CYS A 127 -0.10 0.56 12.29
N TRP A 128 -0.74 0.69 11.10
CA TRP A 128 -1.73 -0.26 10.67
C TRP A 128 -1.51 -0.59 9.21
N VAL A 129 -1.61 -1.88 8.87
CA VAL A 129 -1.58 -2.32 7.46
C VAL A 129 -2.99 -2.76 7.10
N THR A 130 -3.45 -2.37 5.91
CA THR A 130 -4.82 -2.62 5.48
C THR A 130 -4.87 -3.20 4.07
N GLY A 131 -5.90 -3.95 3.78
CA GLY A 131 -6.03 -4.49 2.44
C GLY A 131 -7.05 -5.58 2.35
N TRP A 132 -7.29 -6.01 1.10
CA TRP A 132 -8.23 -7.10 0.78
C TRP A 132 -7.48 -8.39 0.49
N GLY A 133 -6.22 -8.48 0.88
CA GLY A 133 -5.41 -9.65 0.59
C GLY A 133 -5.77 -10.90 1.35
N TYR A 134 -5.04 -11.96 1.02
CA TYR A 134 -5.22 -13.29 1.62
C TYR A 134 -5.04 -13.27 3.12
N ARG A 135 -5.64 -14.23 3.81
CA ARG A 135 -5.54 -14.39 5.26
C ARG A 135 -4.45 -15.44 5.62
N LYS A 136 -3.92 -16.12 4.59
CA LYS A 136 -2.84 -17.11 4.69
C LYS A 136 -2.28 -17.30 3.28
N LEU A 137 -1.10 -17.94 3.15
CA LEU A 137 -0.42 -18.11 1.88
C LEU A 137 -1.32 -18.61 0.78
N ARG A 138 -2.11 -19.67 1.04
CA ARG A 138 -3.02 -20.20 0.02
C ARG A 138 -4.42 -19.84 0.45
N ASP A 139 -4.95 -18.79 -0.15
CA ASP A 139 -6.26 -18.29 0.24
C ASP A 139 -6.90 -17.55 -0.95
N LYS A 140 -7.73 -16.55 -0.67
CA LYS A 140 -8.38 -15.79 -1.72
C LYS A 140 -8.47 -14.38 -1.23
N ILE A 141 -8.78 -13.44 -2.14
CA ILE A 141 -9.00 -12.04 -1.77
C ILE A 141 -10.20 -12.01 -0.82
N GLN A 142 -10.15 -11.11 0.16
CA GLN A 142 -11.23 -10.95 1.12
C GLN A 142 -12.24 -9.96 0.62
N ASN A 143 -13.49 -10.14 0.99
CA ASN A 143 -14.53 -9.21 0.57
C ASN A 143 -14.40 -7.87 1.33
N THR A 144 -14.30 -7.92 2.66
CA THR A 144 -14.27 -6.72 3.49
C THR A 144 -12.83 -6.29 3.74
N LEU A 145 -12.56 -4.99 3.53
CA LEU A 145 -11.23 -4.44 3.82
C LEU A 145 -10.78 -4.80 5.24
N GLN A 146 -9.62 -5.43 5.38
CA GLN A 146 -9.10 -5.84 6.68
C GLN A 146 -8.02 -4.90 7.17
N LYS A 147 -7.80 -4.89 8.50
CA LYS A 147 -6.77 -4.09 9.12
C LYS A 147 -6.01 -4.90 10.16
N ALA A 148 -4.76 -4.57 10.37
CA ALA A 148 -3.98 -5.17 11.45
C ALA A 148 -3.03 -4.15 11.98
N LYS A 149 -2.92 -4.04 13.32
CA LYS A 149 -1.94 -3.14 13.92
C LYS A 149 -0.63 -3.92 13.96
N ILE A 150 0.45 -3.30 13.46
CA ILE A 150 1.73 -3.99 13.40
C ILE A 150 2.85 -3.07 13.86
N PRO A 151 3.81 -3.58 14.63
CA PRO A 151 4.88 -2.71 15.12
C PRO A 151 5.99 -2.57 14.09
N LEU A 152 6.62 -1.40 14.04
CA LEU A 152 7.80 -1.21 13.19
C LEU A 152 8.95 -1.96 13.83
N VAL A 153 9.85 -2.50 13.00
CA VAL A 153 11.03 -3.25 13.45
C VAL A 153 12.22 -2.44 12.92
N THR A 154 13.30 -2.29 13.68
CA THR A 154 14.44 -1.52 13.17
C THR A 154 15.02 -2.17 11.92
N ASN A 155 15.67 -1.36 11.06
CA ASN A 155 16.34 -1.87 9.87
C ASN A 155 17.43 -2.90 10.21
N GLU A 156 18.13 -2.69 11.35
CA GLU A 156 19.18 -3.61 11.80
C GLU A 156 18.60 -4.97 12.13
N GLU A 157 17.46 -5.03 12.88
CA GLU A 157 16.84 -6.31 13.20
C GLU A 157 16.27 -6.94 11.94
N CYS A 158 15.62 -6.12 11.09
CA CYS A 158 15.06 -6.64 9.84
C CYS A 158 16.15 -7.28 8.96
N GLN A 159 17.32 -6.60 8.84
CA GLN A 159 18.44 -7.13 8.07
C GLN A 159 18.91 -8.52 8.58
N LYS A 160 18.87 -8.76 9.91
CA LYS A 160 19.21 -10.07 10.51
C LYS A 160 18.27 -11.18 10.01
N ARG A 161 17.00 -10.83 9.72
CA ARG A 161 16.00 -11.80 9.27
C ARG A 161 16.10 -12.14 7.81
N TYR A 162 16.75 -11.27 7.04
CA TYR A 162 16.84 -11.35 5.59
C TYR A 162 18.28 -11.24 5.14
N ARG A 163 19.08 -12.23 5.51
CA ARG A 163 20.50 -12.27 5.12
C ARG A 163 20.72 -12.31 3.61
N GLY A 164 19.76 -12.83 2.87
CA GLY A 164 19.88 -12.88 1.42
C GLY A 164 19.40 -11.65 0.66
N HIS A 165 18.98 -10.60 1.37
CA HIS A 165 18.47 -9.39 0.70
C HIS A 165 19.06 -8.15 1.33
N LYS A 166 19.22 -7.08 0.56
CA LYS A 166 19.73 -5.89 1.19
C LYS A 166 18.53 -5.07 1.72
N ILE A 167 18.43 -4.87 3.04
CA ILE A 167 17.39 -4.02 3.62
C ILE A 167 18.00 -2.61 3.74
N THR A 168 17.62 -1.71 2.81
CA THR A 168 18.19 -0.36 2.78
C THR A 168 17.41 0.61 3.62
N HIS A 169 17.96 1.84 3.79
CA HIS A 169 17.28 2.86 4.56
C HIS A 169 16.02 3.35 3.79
N LYS A 170 15.86 2.92 2.52
CA LYS A 170 14.66 3.26 1.70
C LYS A 170 13.55 2.21 1.93
N MET A 171 13.76 1.28 2.90
CA MET A 171 12.79 0.28 3.28
C MET A 171 12.52 0.44 4.75
N ILE A 172 11.30 0.04 5.13
CA ILE A 172 10.92 -0.01 6.53
C ILE A 172 10.29 -1.38 6.76
N CYS A 173 10.57 -2.02 7.91
CA CYS A 173 10.02 -3.32 8.22
C CYS A 173 9.03 -3.26 9.34
N ALA A 174 8.07 -4.17 9.31
CA ALA A 174 7.05 -4.24 10.35
C ALA A 174 6.52 -5.61 10.52
N GLY A 175 6.31 -6.01 11.76
CA GLY A 175 5.76 -7.33 12.03
C GLY A 175 6.09 -7.75 13.44
N TYR A 176 5.40 -8.79 13.90
CA TYR A 176 5.63 -9.32 15.24
C TYR A 176 6.71 -10.37 15.15
N ARG A 177 7.67 -10.32 16.08
CA ARG A 177 8.77 -11.28 16.13
C ARG A 177 8.16 -12.71 16.27
N GLU A 178 7.08 -12.81 17.07
CA GLU A 178 6.41 -14.07 17.30
C GLU A 178 5.36 -14.39 16.18
N GLY A 179 5.31 -13.59 15.09
CA GLY A 179 4.46 -13.79 13.92
C GLY A 179 2.98 -13.55 14.18
N GLY A 180 2.15 -13.90 13.21
CA GLY A 180 0.70 -13.85 13.39
C GLY A 180 -0.12 -12.79 12.70
N LYS A 181 0.49 -11.62 12.42
CA LYS A 181 -0.24 -10.52 11.75
C LYS A 181 0.69 -9.88 10.78
N ASP A 182 0.24 -9.70 9.53
CA ASP A 182 1.12 -9.13 8.51
C ASP A 182 0.29 -8.98 7.24
N ALA A 183 0.84 -8.28 6.26
CA ALA A 183 0.24 -8.23 4.95
C ALA A 183 0.46 -9.60 4.27
N CYS A 184 -0.33 -9.89 3.22
CA CYS A 184 -0.18 -11.12 2.45
CA CYS A 184 -0.18 -11.13 2.44
C CYS A 184 -0.58 -10.83 1.00
N LYS A 185 -0.62 -11.84 0.14
CA LYS A 185 -0.94 -11.68 -1.26
C LYS A 185 -2.21 -10.89 -1.48
N GLY A 186 -2.13 -9.88 -2.35
CA GLY A 186 -3.26 -9.00 -2.63
C GLY A 186 -3.24 -7.70 -1.82
N ASP A 187 -2.36 -7.61 -0.82
CA ASP A 187 -2.28 -6.36 -0.04
C ASP A 187 -1.24 -5.40 -0.60
N SER A 188 -0.31 -5.87 -1.44
CA SER A 188 0.76 -4.98 -1.86
C SER A 188 0.24 -3.75 -2.57
N GLY A 189 1.01 -2.67 -2.43
CA GLY A 189 0.65 -1.38 -2.98
C GLY A 189 -0.13 -0.54 -1.99
N GLY A 190 -0.79 -1.18 -1.01
CA GLY A 190 -1.57 -0.43 -0.05
C GLY A 190 -0.69 0.19 1.00
N PRO A 191 -1.34 0.90 1.91
CA PRO A 191 -0.60 1.69 2.88
C PRO A 191 -0.24 0.95 4.17
N LEU A 192 0.87 1.44 4.78
CA LEU A 192 1.21 1.18 6.17
C LEU A 192 1.00 2.61 6.75
N SER A 193 -0.11 2.79 7.45
CA SER A 193 -0.60 4.09 7.92
C SER A 193 -0.29 4.20 9.40
N CYS A 194 0.36 5.31 9.81
CA CYS A 194 0.69 5.50 11.24
C CYS A 194 0.04 6.80 11.70
N LYS A 195 -0.65 6.73 12.82
CA LYS A 195 -1.33 7.90 13.38
C LYS A 195 -0.36 8.51 14.41
N HIS A 196 0.03 9.75 14.17
CA HIS A 196 1.01 10.45 14.99
C HIS A 196 0.46 11.84 15.28
N ASN A 197 0.28 12.15 16.58
CA ASN A 197 -0.23 13.49 16.95
C ASN A 197 -1.57 13.78 16.27
N GLU A 198 -2.44 12.76 16.25
CA GLU A 198 -3.80 12.78 15.73
C GLU A 198 -3.90 13.01 14.21
N VAL A 199 -2.81 12.76 13.50
CA VAL A 199 -2.78 12.87 12.04
C VAL A 199 -2.25 11.56 11.47
N TRP A 200 -2.92 11.02 10.45
CA TRP A 200 -2.41 9.81 9.80
C TRP A 200 -1.35 10.17 8.80
N HIS A 201 -0.27 9.39 8.77
CA HIS A 201 0.79 9.58 7.81
C HIS A 201 1.03 8.28 7.06
N LEU A 202 1.32 8.42 5.76
CA LEU A 202 1.59 7.25 4.90
C LEU A 202 3.07 6.90 5.07
N VAL A 203 3.36 6.02 6.02
CA VAL A 203 4.75 5.69 6.35
C VAL A 203 5.35 4.67 5.41
N GLY A 204 4.54 3.70 4.99
CA GLY A 204 5.05 2.65 4.13
C GLY A 204 4.08 2.26 3.03
N ILE A 205 4.63 1.57 2.02
CA ILE A 205 3.83 0.98 0.94
C ILE A 205 4.13 -0.53 1.04
N THR A 206 3.09 -1.34 1.19
CA THR A 206 3.25 -2.79 1.28
C THR A 206 4.00 -3.30 0.07
N SER A 207 5.13 -3.98 0.30
CA SER A 207 6.00 -4.38 -0.79
C SER A 207 6.24 -5.91 -0.86
N TRP A 208 6.93 -6.50 0.14
CA TRP A 208 7.25 -7.95 0.06
C TRP A 208 7.59 -8.52 1.41
N GLY A 209 7.67 -9.85 1.47
CA GLY A 209 8.12 -10.54 2.67
C GLY A 209 8.35 -12.00 2.36
N GLU A 210 8.97 -12.73 3.28
CA GLU A 210 9.15 -14.17 3.05
C GLU A 210 8.01 -14.83 3.78
N GLY A 211 7.07 -15.37 3.01
CA GLY A 211 5.84 -15.94 3.55
C GLY A 211 4.98 -14.82 4.12
N CYS A 212 3.92 -15.19 4.82
CA CYS A 212 2.98 -14.23 5.44
CA CYS A 212 3.08 -14.16 5.44
C CYS A 212 2.89 -14.46 6.91
N ALA A 213 3.17 -13.44 7.72
CA ALA A 213 3.11 -13.44 9.18
C ALA A 213 3.87 -14.57 9.84
N GLN A 214 5.02 -14.92 9.23
CA GLN A 214 5.83 -15.97 9.82
C GLN A 214 6.66 -15.40 10.94
N ARG A 215 7.06 -16.26 11.89
CA ARG A 215 7.89 -15.80 13.01
C ARG A 215 9.19 -15.26 12.47
N GLU A 216 9.65 -14.15 13.00
CA GLU A 216 10.95 -13.53 12.70
C GLU A 216 11.13 -13.24 11.20
N ARG A 217 10.04 -12.99 10.51
CA ARG A 217 10.10 -12.64 9.09
C ARG A 217 9.15 -11.45 8.87
N PRO A 218 9.59 -10.24 9.28
CA PRO A 218 8.69 -9.06 9.12
C PRO A 218 8.38 -8.73 7.67
N GLY A 219 7.28 -8.03 7.47
CA GLY A 219 6.96 -7.52 6.15
C GLY A 219 7.87 -6.35 5.85
N VAL A 220 8.16 -6.17 4.58
CA VAL A 220 9.04 -5.11 4.09
C VAL A 220 8.19 -4.13 3.28
N TYR A 221 8.36 -2.87 3.60
CA TYR A 221 7.57 -1.78 3.02
C TYR A 221 8.48 -0.71 2.46
N THR A 222 8.03 -0.04 1.41
CA THR A 222 8.79 1.07 0.87
C THR A 222 8.69 2.20 1.90
N ASN A 223 9.86 2.80 2.27
CA ASN A 223 9.94 3.86 3.31
C ASN A 223 9.61 5.18 2.62
N VAL A 224 8.32 5.56 2.68
CA VAL A 224 7.80 6.71 1.91
C VAL A 224 8.56 8.01 2.15
N VAL A 225 8.98 8.27 3.41
CA VAL A 225 9.66 9.55 3.72
C VAL A 225 10.91 9.72 2.87
N GLU A 226 11.53 8.60 2.45
CA GLU A 226 12.75 8.68 1.64
C GLU A 226 12.48 9.00 0.18
N TYR A 227 11.19 9.11 -0.18
CA TYR A 227 10.75 9.37 -1.54
C TYR A 227 9.91 10.63 -1.62
N VAL A 228 9.86 11.40 -0.55
CA VAL A 228 9.03 12.63 -0.56
C VAL A 228 9.40 13.53 -1.75
N ASP A 229 10.70 13.78 -1.99
CA ASP A 229 11.05 14.65 -3.09
C ASP A 229 10.68 14.08 -4.46
N TRP A 230 10.85 12.77 -4.69
CA TRP A 230 10.48 12.09 -5.91
C TRP A 230 8.93 12.26 -6.11
N ILE A 231 8.16 12.03 -5.04
CA ILE A 231 6.71 12.18 -5.14
C ILE A 231 6.34 13.60 -5.50
N LEU A 232 6.95 14.61 -4.81
CA LEU A 232 6.63 16.01 -5.10
C LEU A 232 7.02 16.34 -6.53
N GLU A 233 8.20 15.88 -6.99
CA GLU A 233 8.65 16.10 -8.35
C GLU A 233 7.65 15.57 -9.38
N LYS A 234 7.21 14.32 -9.19
CA LYS A 234 6.35 13.72 -10.19
C LYS A 234 4.92 14.25 -10.17
N THR A 235 4.42 14.62 -8.99
CA THR A 235 3.04 15.12 -8.86
C THR A 235 2.88 16.58 -9.33
N GLN A 236 4.00 17.31 -9.54
CA GLN A 236 3.88 18.69 -10.06
C GLN A 236 4.15 18.77 -11.57
N ALA A 237 4.57 17.65 -12.20
CA ALA A 237 4.95 17.60 -13.62
C ALA A 237 3.84 17.95 -14.61
C1 NAG B . -16.65 17.76 -7.79
C2 NAG B . -17.15 17.11 -9.08
C3 NAG B . -17.68 18.18 -10.04
C4 NAG B . -18.63 19.14 -9.34
C5 NAG B . -17.98 19.75 -8.10
C6 NAG B . -18.90 20.66 -7.32
C7 NAG B . -15.74 15.12 -9.54
C8 NAG B . -14.50 14.65 -10.23
N2 NAG B . -16.05 16.41 -9.70
O3 NAG B . -18.34 17.53 -11.11
O4 NAG B . -19.00 20.19 -10.24
O5 NAG B . -17.57 18.69 -7.22
O6 NAG B . -19.93 19.93 -6.69
O7 NAG B . -16.41 14.36 -8.82
C18 5SU C . 1.54 -8.89 -2.14
C16 5SU C . 2.31 -8.72 -6.98
C15 5SU C . 2.81 -9.11 -5.59
C20 5SU C . 2.98 -9.19 -8.12
C21 5SU C . 2.54 -8.84 -9.40
C22 5SU C . 1.41 -8.03 -9.55
C23 5SU C . 0.73 -7.58 -8.43
C24 5SU C . 1.18 -7.90 -7.16
C11 5SU C . -5.35 -11.09 -6.68
C12 5SU C . -4.86 -12.30 -6.15
C34 5SU C . 4.69 -9.33 3.55
C33 5SU C . 4.49 -10.58 2.99
C1 5SU C . 0.88 -10.53 -4.86
N2 5SU C . 1.51 -11.72 -4.85
C3 5SU C . 0.78 -12.80 -5.19
C4 5SU C . -0.55 -12.74 -5.56
C5 5SU C . -1.19 -11.49 -5.56
C6 5SU C . -0.43 -10.39 -5.19
C7 5SU C . -2.64 -11.35 -5.91
C8 5SU C . -3.54 -12.42 -5.75
C9 5SU C . -4.47 -10.01 -6.79
C10 5SU C . -3.14 -10.14 -6.43
N13 5SU C . -6.66 -10.87 -7.14
C14 5SU C . 1.72 -9.34 -4.54
N17 5SU C . 2.30 -9.39 -3.19
O19 5SU C . 0.35 -8.55 -2.27
C25 5SU C . -7.67 -11.78 -7.20
O26 5SU C . -7.63 -12.92 -6.76
O27 5SU C . -8.74 -11.22 -7.78
C28 5SU C . -9.98 -12.04 -7.79
C29 5SU C . 2.14 -8.92 -0.80
C30 5SU C . 3.19 -9.60 -0.42
C31 5SU C . 3.74 -9.56 0.93
C32 5SU C . 4.03 -10.71 1.68
C35 5SU C . 4.42 -8.21 2.80
C36 5SU C . 3.94 -8.30 1.51
N37 5SU C . 3.91 -12.02 1.10
C38 5SU C . 4.80 -13.02 0.98
N39 5SU C . 4.24 -14.02 0.35
N40 5SU C . 2.97 -13.62 0.09
N41 5SU C . 2.75 -12.43 0.54
CL4 5SU C . 4.71 -6.64 3.49
H53 5SU C . 3.43 -10.00 -5.68
H52 5SU C . 3.51 -8.37 -5.22
H55 5SU C . 3.86 -9.83 -8.01
H56 5SU C . 3.09 -9.19 -10.28
H57 5SU C . 1.05 -7.77 -10.55
H58 5SU C . -0.17 -6.97 -8.55
H59 5SU C . 0.65 -7.46 -6.31
H49 5SU C . -5.46 -13.21 -6.02
H66 5SU C . 5.04 -9.23 4.58
H65 5SU C . 4.69 -11.45 3.62
H43 5SU C . 1.32 -13.74 -5.11
H44 5SU C . -1.07 -13.65 -5.83
H45 5SU C . -0.90 -9.40 -5.13
H46 5SU C . -3.22 -13.34 -5.29
H47 5SU C . -4.80 -9.04 -7.14
H48 5SU C . -2.48 -9.30 -6.62
H50 5SU C . -6.87 -9.93 -7.46
H51 5SU C . 1.07 -8.48 -4.57
H54 5SU C . 3.24 -9.77 -3.11
H62 5SU C . -9.80 -13.05 -8.14
H61 5SU C . -10.43 -12.07 -6.80
H60 5SU C . -10.61 -11.51 -8.49
H63 5SU C . 1.64 -8.30 -0.06
H64 5SU C . 3.74 -10.27 -1.08
H67 5SU C . 3.73 -7.39 0.95
H68 5SU C . 5.80 -13.02 1.38
#